data_9KW2
#
_entry.id   9KW2
#
_cell.length_a   52.727
_cell.length_b   53.866
_cell.length_c   142.010
_cell.angle_alpha   90.000
_cell.angle_beta   90.000
_cell.angle_gamma   90.000
#
_symmetry.space_group_name_H-M   'P 21 21 21'
#
loop_
_entity.id
_entity.type
_entity.pdbx_description
1 polymer 'Vitamin D3 dihydroxylase'
2 non-polymer 'PROTOPORPHYRIN IX CONTAINING FE'
3 non-polymer CIS-1-ACETYL-4-(4-((2-(2,4-DICHLOROPHENYL)-2-(1H-IMIDAZOL-1-YLMETHYL)-1,3-DIOXOLAN-4-YL)METHOXY)PHENYL)PIPERAZINE
4 non-polymer 2-AMINO-2-HYDROXYMETHYL-PROPANE-1,3-DIOL
5 water water
#
_entity_poly.entity_id   1
_entity_poly.type   'polypeptide(L)'
_entity_poly.pdbx_seq_one_letter_code
;MTDTATTPQTTDAPAFPSNRSCPYQLPDGYAQLRDTPGPLHRVTLYDGRQAWVVTKHEAARKLLGDPRLSSNRTDDNFPA
TSPAFEAVRESPQAFIGLDPPEHGTRRRMTISEFTVKRIKGMRPEVEEVVHGFLDEMLAAGPTADLVSQFALPVPSMVIC
RLLGVPYADHEFFQDASKRLVQSTDAQSALTARNDLAGYLDGLITQFQTEPGAGLVGALVADQLANGEIDREELISTAML
LLIAGHETTASMTSLSVITLLDHPEQYAALRADRSLVPGAVEELLRYLAIADIAGGRVATADIEVEGQLIRAGEGVIVVN
SIANRDGTVYEDPDALDIHRSARHHLAFGFGVHQCLGQNLARLELEVILNALMDRVPTLRLAVPVEQLVLRPGTTIQGVN
ELPVTWHHHHHH
;
_entity_poly.pdbx_strand_id   A
#
# COMPACT_ATOMS: atom_id res chain seq x y z
N THR A 7 -24.92 32.76 0.92
CA THR A 7 -23.65 33.12 0.30
C THR A 7 -22.87 31.87 -0.13
N PRO A 8 -22.05 31.99 -1.19
CA PRO A 8 -21.45 30.81 -1.80
C PRO A 8 -20.53 30.08 -0.83
N GLN A 9 -20.40 28.78 -1.05
CA GLN A 9 -19.58 27.92 -0.20
C GLN A 9 -18.26 27.53 -0.84
N THR A 10 -18.04 27.93 -2.08
CA THR A 10 -16.80 27.66 -2.79
C THR A 10 -15.60 28.03 -1.92
N THR A 11 -14.60 27.16 -1.89
CA THR A 11 -13.38 27.41 -1.14
C THR A 11 -12.20 27.23 -2.06
N ASP A 12 -11.04 27.71 -1.63
CA ASP A 12 -9.80 27.43 -2.36
C ASP A 12 -8.90 26.48 -1.59
N ALA A 13 -9.46 25.77 -0.60
CA ALA A 13 -8.72 24.77 0.16
C ALA A 13 -9.68 23.65 0.54
N PRO A 14 -10.07 22.83 -0.43
CA PRO A 14 -11.14 21.86 -0.20
C PRO A 14 -10.72 20.75 0.75
N ALA A 15 -11.74 20.10 1.31
CA ALA A 15 -11.48 19.02 2.26
C ALA A 15 -10.75 17.88 1.57
N PHE A 16 -9.80 17.29 2.30
CA PHE A 16 -8.93 16.22 1.84
C PHE A 16 -8.72 15.27 3.02
N PRO A 17 -8.76 13.94 2.79
CA PRO A 17 -8.95 13.24 1.50
C PRO A 17 -10.39 13.19 0.98
N SER A 18 -10.56 12.68 -0.24
CA SER A 18 -11.86 12.31 -0.77
C SER A 18 -11.93 10.80 -0.91
N ASN A 19 -13.16 10.28 -0.95
CA ASN A 19 -13.43 8.86 -0.99
C ASN A 19 -13.74 8.42 -2.42
N ARG A 20 -13.28 7.23 -2.78
CA ARG A 20 -13.65 6.71 -4.09
C ARG A 20 -15.09 6.23 -4.09
N SER A 21 -15.78 6.44 -5.20
CA SER A 21 -17.10 5.86 -5.46
C SER A 21 -17.06 4.77 -6.52
N CYS A 22 -15.99 4.72 -7.31
CA CYS A 22 -15.66 3.63 -8.21
C CYS A 22 -14.24 3.19 -7.90
N PRO A 23 -13.96 1.89 -7.92
CA PRO A 23 -12.63 1.41 -7.50
C PRO A 23 -11.49 2.03 -8.29
N TYR A 24 -11.67 2.25 -9.59
CA TYR A 24 -10.59 2.64 -10.47
C TYR A 24 -10.75 4.05 -11.01
N GLN A 25 -11.60 4.85 -10.37
CA GLN A 25 -11.84 6.22 -10.82
C GLN A 25 -11.40 7.19 -9.75
N LEU A 26 -10.78 8.28 -10.18
CA LEU A 26 -10.44 9.34 -9.23
C LEU A 26 -11.71 9.87 -8.59
N PRO A 27 -11.70 10.14 -7.29
CA PRO A 27 -12.80 10.90 -6.69
C PRO A 27 -12.98 12.22 -7.42
N ASP A 28 -14.22 12.72 -7.44
CA ASP A 28 -14.51 13.94 -8.18
C ASP A 28 -13.59 15.08 -7.79
N GLY A 29 -13.33 15.25 -6.49
CA GLY A 29 -12.48 16.34 -6.05
C GLY A 29 -11.05 16.19 -6.53
N TYR A 30 -10.60 14.95 -6.73
CA TYR A 30 -9.24 14.70 -7.21
C TYR A 30 -9.12 15.01 -8.70
N ALA A 31 -10.16 14.67 -9.47
CA ALA A 31 -10.20 15.12 -10.85
C ALA A 31 -10.09 16.62 -10.92
N GLN A 32 -10.75 17.31 -9.98
CA GLN A 32 -10.64 18.76 -9.91
C GLN A 32 -9.21 19.19 -9.62
N LEU A 33 -8.56 18.55 -8.65
CA LEU A 33 -7.17 18.88 -8.37
C LEU A 33 -6.26 18.56 -9.56
N ARG A 34 -6.47 17.41 -10.21
CA ARG A 34 -5.67 17.07 -11.39
C ARG A 34 -5.77 18.15 -12.46
N ASP A 35 -6.98 18.66 -12.67
CA ASP A 35 -7.28 19.62 -13.73
C ASP A 35 -6.83 21.03 -13.42
N THR A 36 -6.45 21.33 -12.20
CA THR A 36 -6.06 22.71 -11.98
C THR A 36 -4.56 22.87 -12.20
N PRO A 37 -4.13 23.88 -12.97
CA PRO A 37 -2.71 24.03 -13.26
C PRO A 37 -1.88 24.27 -12.01
N GLY A 38 -0.62 23.85 -12.08
CA GLY A 38 0.34 24.13 -11.05
C GLY A 38 0.61 22.90 -10.22
N PRO A 39 1.82 22.80 -9.66
CA PRO A 39 2.22 21.58 -8.95
C PRO A 39 1.53 21.36 -7.61
N LEU A 40 1.04 22.42 -6.95
CA LEU A 40 0.54 22.32 -5.60
C LEU A 40 -0.87 22.87 -5.53
N HIS A 41 -1.59 22.50 -4.47
CA HIS A 41 -2.88 23.08 -4.18
C HIS A 41 -3.11 23.02 -2.68
N ARG A 42 -3.79 24.03 -2.15
N ARG A 42 -3.76 24.05 -2.13
CA ARG A 42 -4.13 24.02 -0.74
CA ARG A 42 -4.12 24.02 -0.72
C ARG A 42 -5.31 23.09 -0.48
C ARG A 42 -5.29 23.07 -0.50
N VAL A 43 -5.30 22.44 0.69
CA VAL A 43 -6.41 21.59 1.11
C VAL A 43 -6.63 21.83 2.60
N THR A 44 -7.78 21.38 3.10
CA THR A 44 -8.12 21.47 4.51
C THR A 44 -8.23 20.05 5.09
N LEU A 45 -7.41 19.75 6.10
CA LEU A 45 -7.44 18.42 6.69
C LEU A 45 -8.58 18.32 7.72
N TYR A 46 -8.77 17.11 8.27
CA TYR A 46 -10.00 16.80 9.00
C TYR A 46 -10.23 17.72 10.18
N ASP A 47 -9.15 18.24 10.78
CA ASP A 47 -9.25 19.08 11.97
C ASP A 47 -9.16 20.57 11.63
N GLY A 48 -9.31 20.95 10.37
CA GLY A 48 -9.29 22.35 9.97
C GLY A 48 -7.93 22.90 9.58
N ARG A 49 -6.86 22.15 9.78
CA ARG A 49 -5.53 22.58 9.40
C ARG A 49 -5.38 22.59 7.88
N GLN A 50 -4.75 23.62 7.35
CA GLN A 50 -4.46 23.62 5.92
C GLN A 50 -3.14 22.91 5.63
N ALA A 51 -3.05 22.30 4.45
CA ALA A 51 -1.82 21.68 4.00
C ALA A 51 -1.73 21.83 2.48
N TRP A 52 -0.60 21.43 1.93
CA TRP A 52 -0.39 21.38 0.49
C TRP A 52 -0.56 19.96 -0.02
N VAL A 53 -1.16 19.81 -1.20
CA VAL A 53 -1.10 18.54 -1.94
C VAL A 53 -0.29 18.78 -3.20
N VAL A 54 0.43 17.75 -3.62
CA VAL A 54 1.18 17.77 -4.88
C VAL A 54 0.38 16.98 -5.90
N THR A 55 0.07 17.60 -7.04
CA THR A 55 -0.88 17.01 -7.97
C THR A 55 -0.33 16.76 -9.37
N LYS A 56 0.96 16.99 -9.59
CA LYS A 56 1.54 16.83 -10.91
C LYS A 56 2.72 15.87 -10.79
N HIS A 57 3.01 15.16 -11.90
CA HIS A 57 3.90 14.01 -11.82
C HIS A 57 5.34 14.42 -11.52
N GLU A 58 5.97 15.23 -12.40
CA GLU A 58 7.38 15.51 -12.19
C GLU A 58 7.61 16.28 -10.89
N ALA A 59 6.69 17.18 -10.52
CA ALA A 59 6.82 17.90 -9.24
C ALA A 59 6.73 16.97 -8.05
N ALA A 60 5.95 15.89 -8.18
CA ALA A 60 5.90 14.86 -7.14
C ALA A 60 7.22 14.12 -7.01
N ARG A 61 7.81 13.71 -8.14
CA ARG A 61 9.14 13.09 -8.08
C ARG A 61 10.14 14.03 -7.45
N LYS A 62 10.11 15.30 -7.88
CA LYS A 62 11.05 16.28 -7.36
C LYS A 62 10.89 16.43 -5.85
N LEU A 63 9.64 16.54 -5.37
CA LEU A 63 9.42 16.75 -3.95
C LEU A 63 9.67 15.48 -3.15
N LEU A 64 9.35 14.32 -3.70
CA LEU A 64 9.73 13.08 -3.01
C LEU A 64 11.24 12.98 -2.89
N GLY A 65 11.97 13.60 -3.82
CA GLY A 65 13.42 13.55 -3.82
C GLY A 65 14.08 14.60 -2.95
N ASP A 66 13.29 15.51 -2.40
CA ASP A 66 13.80 16.68 -1.69
C ASP A 66 13.96 16.36 -0.21
N PRO A 67 15.19 16.29 0.31
CA PRO A 67 15.35 15.97 1.73
C PRO A 67 14.77 17.03 2.65
N ARG A 68 14.42 18.23 2.13
CA ARG A 68 13.74 19.21 2.98
C ARG A 68 12.29 18.82 3.30
N LEU A 69 11.71 17.87 2.56
CA LEU A 69 10.41 17.31 2.93
C LEU A 69 10.66 16.03 3.72
N SER A 70 10.48 16.14 5.04
CA SER A 70 10.80 15.06 5.97
C SER A 70 9.67 14.05 6.07
N SER A 71 10.02 12.81 6.37
CA SER A 71 9.08 11.72 6.58
C SER A 71 8.78 11.48 8.07
N ASN A 72 9.16 12.40 8.94
CA ASN A 72 9.04 12.18 10.39
C ASN A 72 7.59 12.35 10.83
N ARG A 73 6.89 11.22 11.01
CA ARG A 73 5.48 11.29 11.39
C ARG A 73 5.27 11.75 12.82
N THR A 74 6.31 11.80 13.65
CA THR A 74 6.14 12.27 15.01
C THR A 74 6.23 13.79 15.13
N ASP A 75 6.59 14.49 14.05
CA ASP A 75 6.57 15.94 14.07
C ASP A 75 5.14 16.43 14.27
N ASP A 76 4.97 17.44 15.12
CA ASP A 76 3.62 17.92 15.40
C ASP A 76 2.99 18.55 14.17
N ASN A 77 3.79 19.00 13.19
CA ASN A 77 3.23 19.56 11.97
C ASN A 77 3.06 18.54 10.85
N PHE A 78 3.35 17.27 11.11
CA PHE A 78 3.11 16.28 10.07
C PHE A 78 1.62 16.25 9.72
N PRO A 79 1.28 16.13 8.43
CA PRO A 79 -0.14 16.18 8.04
C PRO A 79 -0.92 14.91 8.38
N ALA A 80 -1.70 14.94 9.45
CA ALA A 80 -2.58 13.83 9.82
C ALA A 80 -3.91 13.97 9.10
N THR A 81 -4.34 12.91 8.40
CA THR A 81 -5.56 12.97 7.62
C THR A 81 -6.78 12.38 8.33
N SER A 82 -6.58 11.84 9.53
CA SER A 82 -7.69 11.35 10.35
C SER A 82 -7.21 11.23 11.79
N PRO A 83 -8.13 11.19 12.76
CA PRO A 83 -7.71 11.02 14.17
C PRO A 83 -6.93 9.75 14.41
N ALA A 84 -7.13 8.71 13.60
CA ALA A 84 -6.40 7.46 13.78
C ALA A 84 -4.90 7.60 13.56
N PHE A 85 -4.45 8.71 12.97
CA PHE A 85 -3.02 8.93 12.77
C PHE A 85 -2.25 8.88 14.08
N GLU A 86 -2.90 9.15 15.22
CA GLU A 86 -2.20 9.20 16.50
C GLU A 86 -1.54 7.86 16.83
N ALA A 87 -2.10 6.76 16.36
CA ALA A 87 -1.49 5.45 16.61
C ALA A 87 -0.10 5.39 16.01
N VAL A 88 0.02 5.75 14.73
CA VAL A 88 1.31 5.70 14.04
C VAL A 88 2.12 6.97 14.26
N ARG A 89 1.52 8.00 14.86
CA ARG A 89 2.27 9.16 15.34
C ARG A 89 3.09 8.84 16.59
N GLU A 90 2.76 7.75 17.28
CA GLU A 90 3.47 7.38 18.50
C GLU A 90 4.59 6.40 18.16
N SER A 91 5.79 6.73 18.63
CA SER A 91 7.05 6.04 18.37
C SER A 91 7.02 4.59 18.83
N PRO A 92 8.07 3.80 18.54
CA PRO A 92 9.23 4.11 17.69
C PRO A 92 8.81 3.92 16.25
N GLN A 93 9.26 4.80 15.37
CA GLN A 93 8.91 4.67 13.97
C GLN A 93 9.76 3.61 13.29
N ALA A 94 9.14 2.88 12.36
CA ALA A 94 9.93 2.09 11.42
C ALA A 94 10.60 3.04 10.42
N PHE A 95 11.48 2.50 9.59
CA PHE A 95 12.27 3.39 8.74
C PHE A 95 11.43 4.13 7.71
N ILE A 96 10.18 3.72 7.49
CA ILE A 96 9.30 4.48 6.61
C ILE A 96 9.06 5.88 7.15
N GLY A 97 9.28 6.09 8.45
CA GLY A 97 9.10 7.38 9.07
C GLY A 97 10.40 7.98 9.55
N LEU A 98 11.53 7.51 9.01
CA LEU A 98 12.84 8.05 9.32
C LEU A 98 13.41 8.81 8.13
N ASP A 99 14.29 9.78 8.41
CA ASP A 99 15.05 10.47 7.39
C ASP A 99 16.49 9.97 7.35
N PRO A 100 17.20 10.19 6.25
CA PRO A 100 18.65 9.93 6.24
C PRO A 100 19.33 10.74 7.33
N PRO A 101 20.32 10.16 8.04
CA PRO A 101 20.95 8.86 7.83
C PRO A 101 20.27 7.68 8.53
N GLU A 102 19.38 7.89 9.49
CA GLU A 102 18.83 6.78 10.26
C GLU A 102 17.98 5.85 9.38
N HIS A 103 17.30 6.41 8.38
CA HIS A 103 16.52 5.61 7.44
C HIS A 103 17.37 4.53 6.81
N GLY A 104 18.56 4.91 6.35
CA GLY A 104 19.43 3.96 5.69
C GLY A 104 19.90 2.84 6.61
N THR A 105 20.33 3.18 7.83
CA THR A 105 20.87 2.14 8.72
C THR A 105 19.83 1.08 9.02
N ARG A 106 18.58 1.48 9.17
CA ARG A 106 17.53 0.52 9.49
C ARG A 106 17.04 -0.20 8.25
N ARG A 107 16.81 0.53 7.15
CA ARG A 107 16.38 -0.12 5.92
C ARG A 107 17.33 -1.24 5.51
N ARG A 108 18.64 -0.99 5.55
N ARG A 108 18.64 -0.99 5.56
CA ARG A 108 19.58 -2.00 5.12
CA ARG A 108 19.60 -2.00 5.12
C ARG A 108 19.51 -3.27 5.95
C ARG A 108 19.60 -3.24 6.00
N MET A 109 18.94 -3.21 7.15
CA MET A 109 18.75 -4.41 7.95
C MET A 109 17.72 -5.37 7.36
N THR A 110 16.92 -4.91 6.39
CA THR A 110 15.84 -5.73 5.84
C THR A 110 15.96 -6.02 4.35
N ILE A 111 16.81 -5.28 3.62
CA ILE A 111 16.78 -5.33 2.15
C ILE A 111 17.11 -6.72 1.59
N SER A 112 17.89 -7.51 2.34
CA SER A 112 18.31 -8.81 1.82
C SER A 112 17.13 -9.73 1.50
N GLU A 113 16.00 -9.52 2.17
CA GLU A 113 14.83 -10.34 1.93
C GLU A 113 14.02 -9.91 0.71
N PHE A 114 14.32 -8.76 0.11
CA PHE A 114 13.47 -8.20 -0.93
C PHE A 114 14.22 -7.96 -2.23
N THR A 115 15.39 -8.59 -2.40
CA THR A 115 16.21 -8.41 -3.58
C THR A 115 15.55 -9.06 -4.80
N VAL A 116 15.99 -8.64 -6.00
CA VAL A 116 15.44 -9.26 -7.20
C VAL A 116 15.73 -10.75 -7.20
N LYS A 117 16.91 -11.15 -6.71
CA LYS A 117 17.26 -12.57 -6.68
C LYS A 117 16.36 -13.33 -5.72
N ARG A 118 16.08 -12.77 -4.55
N ARG A 118 16.09 -12.75 -4.54
CA ARG A 118 15.25 -13.47 -3.58
CA ARG A 118 15.25 -13.45 -3.57
C ARG A 118 13.81 -13.56 -4.06
C ARG A 118 13.82 -13.56 -4.05
N ILE A 119 13.28 -12.48 -4.64
CA ILE A 119 11.92 -12.50 -5.15
C ILE A 119 11.78 -13.57 -6.24
N LYS A 120 12.75 -13.62 -7.16
CA LYS A 120 12.78 -14.71 -8.14
C LYS A 120 12.75 -16.06 -7.44
N GLY A 121 13.56 -16.22 -6.40
CA GLY A 121 13.59 -17.47 -5.66
C GLY A 121 12.29 -17.80 -4.95
N MET A 122 11.42 -16.82 -4.76
CA MET A 122 10.12 -17.05 -4.13
C MET A 122 9.03 -17.45 -5.09
N ARG A 123 9.27 -17.43 -6.41
CA ARG A 123 8.19 -17.71 -7.34
C ARG A 123 7.59 -19.10 -7.13
N PRO A 124 8.36 -20.17 -6.98
CA PRO A 124 7.71 -21.47 -6.73
C PRO A 124 6.83 -21.47 -5.48
N GLU A 125 7.24 -20.79 -4.41
CA GLU A 125 6.41 -20.71 -3.21
C GLU A 125 5.12 -19.95 -3.49
N VAL A 126 5.22 -18.79 -4.14
CA VAL A 126 4.02 -17.99 -4.40
C VAL A 126 3.05 -18.78 -5.27
N GLU A 127 3.58 -19.47 -6.29
CA GLU A 127 2.71 -20.28 -7.15
C GLU A 127 2.05 -21.40 -6.37
N GLU A 128 2.80 -22.08 -5.50
CA GLU A 128 2.22 -23.14 -4.67
C GLU A 128 1.13 -22.61 -3.76
N VAL A 129 1.38 -21.46 -3.11
CA VAL A 129 0.38 -20.91 -2.19
C VAL A 129 -0.86 -20.46 -2.96
N VAL A 130 -0.67 -19.81 -4.10
CA VAL A 130 -1.80 -19.34 -4.89
C VAL A 130 -2.69 -20.51 -5.30
N HIS A 131 -2.07 -21.55 -5.86
CA HIS A 131 -2.85 -22.66 -6.36
C HIS A 131 -3.44 -23.50 -5.23
N GLY A 132 -2.84 -23.45 -4.04
CA GLY A 132 -3.43 -24.13 -2.89
C GLY A 132 -4.73 -23.48 -2.43
N PHE A 133 -4.74 -22.16 -2.32
CA PHE A 133 -5.98 -21.49 -1.92
C PHE A 133 -7.03 -21.55 -3.05
N LEU A 134 -6.59 -21.57 -4.31
CA LEU A 134 -7.53 -21.80 -5.40
C LEU A 134 -8.09 -23.21 -5.36
N ASP A 135 -7.25 -24.21 -5.09
CA ASP A 135 -7.73 -25.57 -4.90
C ASP A 135 -8.91 -25.59 -3.94
N GLU A 136 -8.71 -25.00 -2.76
CA GLU A 136 -9.72 -25.03 -1.71
C GLU A 136 -10.96 -24.23 -2.12
N MET A 137 -10.78 -23.05 -2.73
CA MET A 137 -11.92 -22.23 -3.08
C MET A 137 -12.76 -22.87 -4.18
N LEU A 138 -12.10 -23.46 -5.17
CA LEU A 138 -12.81 -24.06 -6.29
C LEU A 138 -13.47 -25.36 -5.89
N ALA A 139 -12.89 -26.08 -4.93
CA ALA A 139 -13.50 -27.32 -4.45
C ALA A 139 -14.81 -27.05 -3.72
N ALA A 140 -14.87 -25.95 -2.96
CA ALA A 140 -16.09 -25.60 -2.23
C ALA A 140 -17.19 -25.07 -3.16
N GLY A 141 -16.83 -24.62 -4.37
CA GLY A 141 -17.80 -24.11 -5.30
C GLY A 141 -18.22 -22.69 -4.98
N PRO A 142 -18.90 -22.03 -5.93
CA PRO A 142 -19.33 -20.66 -5.71
C PRO A 142 -20.65 -20.63 -4.95
N THR A 143 -20.98 -19.46 -4.40
CA THR A 143 -20.35 -18.13 -4.40
C THR A 143 -19.31 -18.01 -3.30
N ALA A 144 -18.21 -17.29 -3.55
CA ALA A 144 -17.19 -17.05 -2.53
C ALA A 144 -16.83 -15.58 -2.49
N ASP A 145 -16.35 -15.16 -1.33
CA ASP A 145 -15.74 -13.85 -1.16
C ASP A 145 -14.27 -13.97 -1.52
N LEU A 146 -13.88 -13.38 -2.66
CA LEU A 146 -12.49 -13.49 -3.09
C LEU A 146 -11.54 -12.93 -2.04
N VAL A 147 -11.99 -11.96 -1.23
CA VAL A 147 -11.08 -11.34 -0.26
C VAL A 147 -10.69 -12.34 0.83
N SER A 148 -11.66 -12.82 1.61
CA SER A 148 -11.35 -13.76 2.70
C SER A 148 -10.88 -15.11 2.20
N GLN A 149 -11.29 -15.52 1.00
CA GLN A 149 -10.95 -16.88 0.56
C GLN A 149 -9.65 -16.96 -0.21
N PHE A 150 -9.11 -15.83 -0.69
CA PHE A 150 -8.01 -15.91 -1.63
C PHE A 150 -7.09 -14.70 -1.53
N ALA A 151 -7.67 -13.50 -1.68
CA ALA A 151 -6.85 -12.30 -1.83
C ALA A 151 -6.01 -12.03 -0.58
N LEU A 152 -6.57 -12.30 0.59
CA LEU A 152 -5.87 -12.00 1.84
C LEU A 152 -5.00 -13.17 2.29
N PRO A 153 -5.52 -14.41 2.32
CA PRO A 153 -4.67 -15.54 2.79
C PRO A 153 -3.39 -15.72 2.00
N VAL A 154 -3.42 -15.55 0.68
CA VAL A 154 -2.24 -15.83 -0.15
C VAL A 154 -1.06 -14.96 0.28
N PRO A 155 -1.16 -13.62 0.28
CA PRO A 155 0.00 -12.81 0.71
C PRO A 155 0.31 -12.93 2.19
N SER A 156 -0.67 -13.30 3.01
CA SER A 156 -0.42 -13.53 4.44
C SER A 156 0.49 -14.74 4.64
N MET A 157 0.19 -15.86 3.98
CA MET A 157 1.03 -17.03 4.09
C MET A 157 2.44 -16.76 3.57
N VAL A 158 2.56 -16.00 2.48
CA VAL A 158 3.88 -15.72 1.93
C VAL A 158 4.68 -14.82 2.88
N ILE A 159 4.05 -13.74 3.38
CA ILE A 159 4.81 -12.79 4.20
C ILE A 159 5.17 -13.41 5.56
N CYS A 160 4.37 -14.37 6.02
CA CYS A 160 4.70 -15.07 7.27
C CYS A 160 6.01 -15.84 7.14
N ARG A 161 6.18 -16.59 6.06
CA ARG A 161 7.44 -17.32 5.87
C ARG A 161 8.61 -16.36 5.70
N LEU A 162 8.38 -15.22 5.02
CA LEU A 162 9.47 -14.27 4.87
C LEU A 162 9.92 -13.74 6.22
N LEU A 163 8.97 -13.43 7.10
CA LEU A 163 9.26 -12.79 8.37
C LEU A 163 9.57 -13.78 9.48
N GLY A 164 9.17 -15.03 9.35
CA GLY A 164 9.28 -15.93 10.48
C GLY A 164 8.15 -15.75 11.48
N VAL A 165 7.02 -15.23 11.04
CA VAL A 165 5.80 -15.17 11.83
C VAL A 165 5.02 -16.44 11.53
N PRO A 166 4.62 -17.20 12.56
CA PRO A 166 3.95 -18.49 12.31
C PRO A 166 2.56 -18.27 11.72
N TYR A 167 2.32 -18.91 10.56
CA TYR A 167 1.03 -18.74 9.92
C TYR A 167 -0.11 -19.29 10.76
N ALA A 168 0.20 -20.17 11.71
CA ALA A 168 -0.83 -20.70 12.60
C ALA A 168 -1.51 -19.60 13.42
N ASP A 169 -0.85 -18.45 13.58
CA ASP A 169 -1.43 -17.32 14.29
C ASP A 169 -2.19 -16.37 13.38
N HIS A 170 -2.53 -16.80 12.15
CA HIS A 170 -3.03 -15.83 11.18
C HIS A 170 -4.38 -15.25 11.57
N GLU A 171 -5.21 -16.02 12.28
CA GLU A 171 -6.50 -15.48 12.70
C GLU A 171 -6.31 -14.26 13.58
N PHE A 172 -5.41 -14.36 14.55
CA PHE A 172 -5.13 -13.25 15.45
C PHE A 172 -4.54 -12.06 14.71
N PHE A 173 -3.44 -12.27 13.97
CA PHE A 173 -2.76 -11.10 13.42
C PHE A 173 -3.49 -10.51 12.23
N GLN A 174 -4.31 -11.28 11.52
CA GLN A 174 -5.09 -10.68 10.44
C GLN A 174 -6.22 -9.83 11.01
N ASP A 175 -6.85 -10.30 12.09
CA ASP A 175 -7.87 -9.49 12.74
C ASP A 175 -7.29 -8.18 13.26
N ALA A 176 -6.10 -8.25 13.87
CA ALA A 176 -5.49 -7.04 14.39
C ALA A 176 -5.06 -6.12 13.26
N SER A 177 -4.52 -6.67 12.17
CA SER A 177 -4.12 -5.81 11.07
C SER A 177 -5.33 -5.12 10.44
N LYS A 178 -6.41 -5.86 10.22
CA LYS A 178 -7.59 -5.24 9.63
C LYS A 178 -8.15 -4.16 10.53
N ARG A 179 -8.25 -4.43 11.84
CA ARG A 179 -8.71 -3.39 12.77
C ARG A 179 -7.83 -2.15 12.68
N LEU A 180 -6.52 -2.32 12.51
CA LEU A 180 -5.64 -1.16 12.42
C LEU A 180 -5.85 -0.40 11.12
N VAL A 181 -5.88 -1.13 10.00
N VAL A 181 -5.88 -1.11 9.98
CA VAL A 181 -6.00 -0.49 8.68
CA VAL A 181 -5.97 -0.42 8.70
C VAL A 181 -7.31 0.28 8.58
C VAL A 181 -7.35 0.20 8.46
N GLN A 182 -8.38 -0.24 9.16
CA GLN A 182 -9.70 0.35 9.03
C GLN A 182 -10.02 1.35 10.14
N SER A 183 -9.09 1.59 11.07
CA SER A 183 -9.38 2.41 12.24
C SER A 183 -9.72 3.83 11.80
N THR A 184 -10.79 4.38 12.39
CA THR A 184 -11.23 5.74 12.14
C THR A 184 -11.08 6.65 13.37
N ASP A 185 -10.58 6.14 14.49
CA ASP A 185 -10.26 6.95 15.65
C ASP A 185 -8.99 6.42 16.30
N ALA A 186 -8.40 7.25 17.16
CA ALA A 186 -7.09 6.89 17.70
C ALA A 186 -7.17 5.68 18.62
N GLN A 187 -8.21 5.60 19.46
CA GLN A 187 -8.31 4.53 20.45
C GLN A 187 -8.37 3.17 19.78
N SER A 188 -9.22 3.03 18.76
CA SER A 188 -9.31 1.77 18.04
C SER A 188 -7.98 1.40 17.38
N ALA A 189 -7.30 2.40 16.82
CA ALA A 189 -6.03 2.13 16.15
C ALA A 189 -4.95 1.74 17.16
N LEU A 190 -4.86 2.46 18.29
CA LEU A 190 -3.86 2.14 19.29
C LEU A 190 -4.06 0.73 19.84
N THR A 191 -5.31 0.34 20.08
CA THR A 191 -5.59 -1.00 20.58
C THR A 191 -5.10 -2.07 19.61
N ALA A 192 -5.47 -1.94 18.33
CA ALA A 192 -4.99 -2.90 17.34
C ALA A 192 -3.46 -2.93 17.28
N ARG A 193 -2.84 -1.75 17.31
CA ARG A 193 -1.38 -1.70 17.28
C ARG A 193 -0.78 -2.34 18.52
N ASN A 194 -1.31 -1.99 19.71
CA ASN A 194 -0.82 -2.63 20.93
C ASN A 194 -0.99 -4.15 20.89
N ASP A 195 -2.06 -4.63 20.27
CA ASP A 195 -2.29 -6.07 20.17
C ASP A 195 -1.20 -6.74 19.36
N LEU A 196 -0.89 -6.18 18.18
CA LEU A 196 0.20 -6.70 17.37
C LEU A 196 1.55 -6.55 18.06
N ALA A 197 1.76 -5.41 18.73
CA ALA A 197 3.05 -5.16 19.36
C ALA A 197 3.36 -6.20 20.44
N GLY A 198 2.36 -6.57 21.25
CA GLY A 198 2.60 -7.54 22.29
C GLY A 198 2.84 -8.92 21.71
N TYR A 199 2.13 -9.25 20.63
CA TYR A 199 2.36 -10.51 19.94
C TYR A 199 3.79 -10.59 19.42
N LEU A 200 4.27 -9.50 18.81
CA LEU A 200 5.60 -9.53 18.22
C LEU A 200 6.69 -9.51 19.30
N ASP A 201 6.43 -8.83 20.42
CA ASP A 201 7.37 -8.90 21.54
C ASP A 201 7.53 -10.32 22.06
N GLY A 202 6.44 -11.09 22.12
CA GLY A 202 6.55 -12.49 22.52
C GLY A 202 7.31 -13.33 21.51
N LEU A 203 7.15 -13.03 20.22
N LEU A 203 7.13 -13.04 20.22
CA LEU A 203 7.88 -13.76 19.20
CA LEU A 203 7.89 -13.76 19.20
C LEU A 203 9.38 -13.51 19.33
C LEU A 203 9.38 -13.52 19.36
N ILE A 204 9.76 -12.28 19.65
CA ILE A 204 11.17 -11.93 19.85
C ILE A 204 11.75 -12.75 20.99
N THR A 205 11.02 -12.81 22.12
CA THR A 205 11.48 -13.59 23.25
C THR A 205 11.63 -15.07 22.87
N GLN A 206 10.73 -15.57 22.02
N GLN A 206 10.72 -15.58 22.04
CA GLN A 206 10.83 -16.97 21.59
CA GLN A 206 10.82 -16.97 21.58
C GLN A 206 12.07 -17.21 20.74
C GLN A 206 12.09 -17.20 20.77
N PHE A 207 12.45 -16.23 19.93
CA PHE A 207 13.66 -16.33 19.10
C PHE A 207 14.92 -16.21 19.94
N GLN A 208 14.84 -15.49 21.06
CA GLN A 208 15.98 -15.43 21.96
C GLN A 208 16.17 -16.76 22.69
N THR A 209 15.08 -17.52 22.90
CA THR A 209 15.21 -18.88 23.41
C THR A 209 15.67 -19.85 22.32
N GLU A 210 15.03 -19.78 21.17
CA GLU A 210 15.27 -20.69 20.06
C GLU A 210 15.47 -19.89 18.78
N PRO A 211 16.71 -19.62 18.41
CA PRO A 211 16.97 -18.92 17.14
C PRO A 211 16.26 -19.60 15.98
N GLY A 212 15.74 -18.78 15.06
CA GLY A 212 14.87 -19.33 14.04
C GLY A 212 14.94 -18.55 12.74
N ALA A 213 14.24 -19.07 11.74
CA ALA A 213 14.28 -18.54 10.39
C ALA A 213 13.36 -17.34 10.26
N GLY A 214 13.50 -16.66 9.13
CA GLY A 214 12.71 -15.47 8.89
C GLY A 214 13.45 -14.21 9.26
N LEU A 215 13.00 -13.10 8.67
CA LEU A 215 13.66 -11.83 8.91
C LEU A 215 13.63 -11.46 10.38
N VAL A 216 12.50 -11.67 11.05
CA VAL A 216 12.43 -11.35 12.47
C VAL A 216 13.48 -12.12 13.25
N GLY A 217 13.60 -13.43 12.96
CA GLY A 217 14.64 -14.23 13.60
C GLY A 217 16.04 -13.74 13.30
N ALA A 218 16.26 -13.25 12.08
CA ALA A 218 17.57 -12.72 11.75
C ALA A 218 17.86 -11.43 12.52
N LEU A 219 16.87 -10.52 12.59
CA LEU A 219 17.06 -9.27 13.32
C LEU A 219 17.30 -9.53 14.80
N VAL A 220 16.61 -10.50 15.36
CA VAL A 220 16.78 -10.82 16.78
C VAL A 220 18.20 -11.33 17.04
N ALA A 221 18.66 -12.27 16.21
CA ALA A 221 19.94 -12.92 16.47
C ALA A 221 21.13 -12.00 16.19
N ASP A 222 20.97 -11.01 15.33
CA ASP A 222 22.10 -10.16 14.97
C ASP A 222 21.93 -8.75 15.53
N GLN A 223 21.20 -7.89 14.82
CA GLN A 223 21.16 -6.47 15.19
C GLN A 223 20.68 -6.25 16.62
N LEU A 224 19.57 -6.91 17.00
CA LEU A 224 19.06 -6.72 18.35
C LEU A 224 20.08 -7.16 19.40
N ALA A 225 20.73 -8.30 19.17
CA ALA A 225 21.71 -8.81 20.12
C ALA A 225 22.94 -7.94 20.20
N ASN A 226 23.20 -7.13 19.17
CA ASN A 226 24.32 -6.20 19.19
C ASN A 226 23.90 -4.80 19.61
N GLY A 227 22.65 -4.60 20.00
CA GLY A 227 22.23 -3.28 20.44
C GLY A 227 22.04 -2.28 19.32
N GLU A 228 22.00 -2.74 18.07
CA GLU A 228 22.02 -1.85 16.91
C GLU A 228 20.62 -1.49 16.44
N ILE A 229 19.62 -2.22 16.92
CA ILE A 229 18.22 -1.85 16.76
C ILE A 229 17.57 -1.99 18.12
N ASP A 230 16.71 -1.03 18.47
CA ASP A 230 15.93 -1.16 19.69
C ASP A 230 14.92 -2.28 19.52
N ARG A 231 14.60 -2.93 20.64
CA ARG A 231 13.58 -3.98 20.62
C ARG A 231 12.26 -3.45 20.09
N GLU A 232 11.86 -2.25 20.49
CA GLU A 232 10.60 -1.71 20.02
C GLU A 232 10.67 -1.21 18.58
N GLU A 233 11.87 -0.84 18.11
CA GLU A 233 12.09 -0.59 16.69
C GLU A 233 11.89 -1.86 15.86
N LEU A 234 12.37 -2.98 16.38
CA LEU A 234 12.17 -4.24 15.69
C LEU A 234 10.68 -4.56 15.56
N ILE A 235 9.93 -4.36 16.65
CA ILE A 235 8.48 -4.55 16.62
C ILE A 235 7.84 -3.67 15.55
N SER A 236 8.21 -2.38 15.51
CA SER A 236 7.63 -1.46 14.54
C SER A 236 7.93 -1.88 13.12
N THR A 237 9.19 -2.32 12.88
CA THR A 237 9.62 -2.74 11.56
C THR A 237 8.91 -4.01 11.10
N ALA A 238 8.85 -5.01 12.00
CA ALA A 238 8.15 -6.25 11.65
C ALA A 238 6.67 -5.99 11.40
N MET A 239 6.05 -5.14 12.22
CA MET A 239 4.63 -4.84 12.04
C MET A 239 4.36 -4.14 10.71
N LEU A 240 5.19 -3.16 10.35
CA LEU A 240 5.11 -2.54 9.03
C LEU A 240 5.15 -3.59 7.93
N LEU A 241 6.16 -4.46 7.94
CA LEU A 241 6.31 -5.43 6.87
C LEU A 241 5.19 -6.45 6.88
N LEU A 242 4.70 -6.82 8.05
CA LEU A 242 3.62 -7.80 8.12
C LEU A 242 2.33 -7.21 7.54
N ILE A 243 1.99 -5.98 7.92
CA ILE A 243 0.74 -5.39 7.43
C ILE A 243 0.87 -5.00 5.96
N ALA A 244 1.96 -4.34 5.60
CA ALA A 244 2.18 -4.05 4.18
C ALA A 244 2.19 -5.34 3.38
N GLY A 245 2.74 -6.41 3.95
CA GLY A 245 2.92 -7.64 3.22
C GLY A 245 1.64 -8.35 2.86
N HIS A 246 0.59 -8.17 3.64
CA HIS A 246 -0.62 -8.88 3.27
C HIS A 246 -1.84 -7.98 3.05
N GLU A 247 -1.98 -6.88 3.79
CA GLU A 247 -3.16 -6.03 3.58
C GLU A 247 -3.06 -5.27 2.25
N THR A 248 -1.90 -4.67 1.97
CA THR A 248 -1.78 -3.84 0.77
C THR A 248 -1.86 -4.68 -0.50
N THR A 249 -1.13 -5.79 -0.55
CA THR A 249 -1.18 -6.63 -1.73
C THR A 249 -2.57 -7.21 -1.94
N ALA A 250 -3.24 -7.58 -0.84
CA ALA A 250 -4.60 -8.14 -0.96
C ALA A 250 -5.54 -7.15 -1.63
N SER A 251 -5.45 -5.88 -1.24
CA SER A 251 -6.27 -4.85 -1.87
C SER A 251 -5.96 -4.73 -3.35
N MET A 252 -4.69 -4.86 -3.72
CA MET A 252 -4.31 -4.72 -5.12
C MET A 252 -4.92 -5.84 -5.94
N THR A 253 -5.00 -7.04 -5.37
CA THR A 253 -5.60 -8.16 -6.08
C THR A 253 -7.08 -7.93 -6.35
N SER A 254 -7.82 -7.60 -5.30
CA SER A 254 -9.26 -7.46 -5.45
C SER A 254 -9.63 -6.29 -6.35
N LEU A 255 -8.95 -5.14 -6.18
CA LEU A 255 -9.26 -4.03 -7.07
C LEU A 255 -8.86 -4.33 -8.51
N SER A 256 -7.76 -5.07 -8.72
CA SER A 256 -7.38 -5.44 -10.09
C SER A 256 -8.40 -6.34 -10.73
N VAL A 257 -8.93 -7.32 -9.98
CA VAL A 257 -9.94 -8.22 -10.55
C VAL A 257 -11.19 -7.43 -10.93
N ILE A 258 -11.66 -6.55 -10.04
CA ILE A 258 -12.80 -5.71 -10.35
C ILE A 258 -12.54 -4.90 -11.60
N THR A 259 -11.35 -4.30 -11.69
CA THR A 259 -11.06 -3.39 -12.79
C THR A 259 -10.97 -4.14 -14.11
N LEU A 260 -10.31 -5.30 -14.12
CA LEU A 260 -10.20 -6.08 -15.35
C LEU A 260 -11.56 -6.57 -15.81
N LEU A 261 -12.43 -6.95 -14.88
CA LEU A 261 -13.75 -7.45 -15.28
C LEU A 261 -14.62 -6.35 -15.85
N ASP A 262 -14.36 -5.09 -15.46
CA ASP A 262 -15.02 -3.94 -16.02
C ASP A 262 -14.41 -3.48 -17.34
N HIS A 263 -13.31 -4.09 -17.78
CA HIS A 263 -12.69 -3.78 -19.07
C HIS A 263 -12.48 -5.08 -19.83
N PRO A 264 -13.57 -5.74 -20.23
CA PRO A 264 -13.46 -7.12 -20.76
C PRO A 264 -12.54 -7.27 -21.97
N GLU A 265 -12.46 -6.25 -22.82
CA GLU A 265 -11.58 -6.37 -23.97
C GLU A 265 -10.12 -6.48 -23.54
N GLN A 266 -9.71 -5.64 -22.59
CA GLN A 266 -8.33 -5.67 -22.11
C GLN A 266 -8.03 -6.98 -21.40
N TYR A 267 -8.97 -7.44 -20.57
CA TYR A 267 -8.77 -8.71 -19.87
C TYR A 267 -8.65 -9.86 -20.87
N ALA A 268 -9.43 -9.83 -21.95
CA ALA A 268 -9.32 -10.88 -22.96
C ALA A 268 -7.98 -10.81 -23.68
N ALA A 269 -7.51 -9.61 -24.01
CA ALA A 269 -6.19 -9.47 -24.62
C ALA A 269 -5.12 -10.04 -23.70
N LEU A 270 -5.27 -9.82 -22.39
CA LEU A 270 -4.31 -10.31 -21.42
C LEU A 270 -4.27 -11.84 -21.41
N ARG A 271 -5.43 -12.49 -21.36
CA ARG A 271 -5.46 -13.95 -21.38
C ARG A 271 -4.84 -14.50 -22.66
N ALA A 272 -5.06 -13.83 -23.79
CA ALA A 272 -4.60 -14.36 -25.06
C ALA A 272 -3.10 -14.24 -25.23
N ASP A 273 -2.46 -13.29 -24.55
CA ASP A 273 -1.01 -13.10 -24.63
C ASP A 273 -0.47 -12.85 -23.24
N ARG A 274 0.05 -13.89 -22.59
CA ARG A 274 0.54 -13.74 -21.23
C ARG A 274 1.81 -12.92 -21.15
N SER A 275 2.49 -12.68 -22.27
CA SER A 275 3.64 -11.79 -22.25
C SER A 275 3.24 -10.37 -21.88
N LEU A 276 1.94 -10.06 -21.96
CA LEU A 276 1.42 -8.75 -21.60
C LEU A 276 1.24 -8.56 -20.10
N VAL A 277 1.36 -9.62 -19.29
CA VAL A 277 1.02 -9.50 -17.86
C VAL A 277 1.93 -8.53 -17.12
N PRO A 278 3.27 -8.58 -17.25
CA PRO A 278 4.09 -7.57 -16.55
C PRO A 278 3.65 -6.14 -16.88
N GLY A 279 3.46 -5.83 -18.17
CA GLY A 279 3.01 -4.50 -18.54
C GLY A 279 1.62 -4.17 -18.01
N ALA A 280 0.73 -5.16 -17.96
CA ALA A 280 -0.58 -4.92 -17.38
C ALA A 280 -0.47 -4.63 -15.89
N VAL A 281 0.43 -5.32 -15.20
CA VAL A 281 0.61 -5.09 -13.77
C VAL A 281 1.05 -3.65 -13.52
N GLU A 282 1.96 -3.12 -14.35
CA GLU A 282 2.38 -1.73 -14.19
C GLU A 282 1.23 -0.77 -14.45
N GLU A 283 0.41 -1.05 -15.47
CA GLU A 283 -0.73 -0.18 -15.75
C GLU A 283 -1.74 -0.21 -14.61
N LEU A 284 -2.03 -1.41 -14.08
CA LEU A 284 -2.96 -1.51 -12.96
C LEU A 284 -2.41 -0.78 -11.73
N LEU A 285 -1.10 -0.86 -11.50
CA LEU A 285 -0.50 -0.12 -10.40
C LEU A 285 -0.68 1.39 -10.59
N ARG A 286 -0.31 1.89 -11.76
CA ARG A 286 -0.47 3.31 -12.06
C ARG A 286 -1.91 3.74 -11.86
N TYR A 287 -2.84 2.95 -12.41
CA TYR A 287 -4.25 3.31 -12.52
C TYR A 287 -4.98 3.20 -11.19
N LEU A 288 -4.62 2.20 -10.37
CA LEU A 288 -5.35 2.02 -9.12
C LEU A 288 -4.71 2.77 -7.96
N ALA A 289 -3.41 3.09 -8.06
CA ALA A 289 -2.65 3.81 -7.03
C ALA A 289 -3.28 3.78 -5.64
N ILE A 290 -3.18 2.63 -4.96
CA ILE A 290 -3.99 2.37 -3.78
C ILE A 290 -3.42 2.95 -2.48
N ALA A 291 -2.20 3.48 -2.51
CA ALA A 291 -1.55 3.99 -1.31
C ALA A 291 -1.35 5.51 -1.35
N ASP A 292 -2.39 6.26 -1.75
CA ASP A 292 -2.38 7.72 -1.58
C ASP A 292 -2.00 8.12 -0.15
N ILE A 293 -2.51 7.37 0.83
CA ILE A 293 -2.33 7.69 2.24
C ILE A 293 -0.86 7.73 2.65
N ALA A 294 0.04 7.23 1.82
CA ALA A 294 1.44 7.13 2.18
C ALA A 294 2.28 8.30 1.71
N GLY A 295 1.66 9.41 1.31
CA GLY A 295 2.40 10.48 0.70
C GLY A 295 2.73 11.65 1.60
N GLY A 296 2.52 11.51 2.91
CA GLY A 296 2.65 12.66 3.80
C GLY A 296 4.10 13.06 4.04
N ARG A 297 4.33 14.36 4.15
CA ARG A 297 5.65 14.91 4.41
C ARG A 297 5.48 16.18 5.22
N VAL A 298 6.56 16.61 5.88
CA VAL A 298 6.57 17.89 6.57
C VAL A 298 7.82 18.66 6.16
N ALA A 299 7.66 19.95 5.82
CA ALA A 299 8.81 20.77 5.45
C ALA A 299 9.61 21.19 6.68
N THR A 300 10.92 21.02 6.62
CA THR A 300 11.83 21.47 7.66
C THR A 300 12.54 22.75 7.26
N ALA A 301 12.23 23.27 6.09
CA ALA A 301 12.84 24.46 5.52
C ALA A 301 11.95 24.92 4.38
N ASP A 302 12.09 26.18 3.99
CA ASP A 302 11.30 26.71 2.87
C ASP A 302 11.68 26.00 1.57
N ILE A 303 10.68 25.75 0.73
CA ILE A 303 10.89 25.08 -0.55
C ILE A 303 10.15 25.87 -1.63
N GLU A 304 10.89 26.36 -2.62
CA GLU A 304 10.30 27.06 -3.75
C GLU A 304 9.91 26.04 -4.82
N VAL A 305 8.64 26.08 -5.25
CA VAL A 305 8.11 25.12 -6.22
C VAL A 305 7.39 25.93 -7.31
N GLU A 306 8.08 26.21 -8.41
CA GLU A 306 7.50 26.89 -9.57
C GLU A 306 6.72 28.14 -9.16
N GLY A 307 7.38 29.00 -8.40
CA GLY A 307 6.77 30.25 -7.99
C GLY A 307 5.91 30.17 -6.74
N GLN A 308 5.50 28.97 -6.33
N GLN A 308 5.47 28.98 -6.32
CA GLN A 308 4.75 28.77 -5.09
CA GLN A 308 4.75 28.84 -5.08
C GLN A 308 5.71 28.37 -3.99
C GLN A 308 5.71 28.38 -3.99
N LEU A 309 5.47 28.83 -2.77
CA LEU A 309 6.38 28.64 -1.65
C LEU A 309 5.77 27.72 -0.58
N ILE A 310 6.45 26.63 -0.31
CA ILE A 310 6.18 25.82 0.87
C ILE A 310 7.07 26.34 1.98
N ARG A 311 6.47 26.62 3.14
CA ARG A 311 7.20 27.18 4.25
C ARG A 311 7.58 26.08 5.23
N ALA A 312 8.70 26.28 5.92
CA ALA A 312 9.08 25.36 7.00
C ALA A 312 7.92 25.19 7.97
N GLY A 313 7.63 23.96 8.34
CA GLY A 313 6.55 23.65 9.24
C GLY A 313 5.23 23.30 8.59
N GLU A 314 5.13 23.41 7.27
CA GLU A 314 3.88 23.10 6.60
C GLU A 314 3.83 21.63 6.21
N GLY A 315 2.61 21.09 6.16
CA GLY A 315 2.41 19.71 5.74
C GLY A 315 2.21 19.63 4.23
N VAL A 316 2.78 18.60 3.62
CA VAL A 316 2.69 18.37 2.19
C VAL A 316 2.32 16.91 2.00
N ILE A 317 1.35 16.64 1.13
CA ILE A 317 0.95 15.28 0.82
C ILE A 317 1.15 15.05 -0.67
N VAL A 318 2.01 14.10 -1.02
CA VAL A 318 2.27 13.79 -2.42
C VAL A 318 1.24 12.76 -2.86
N VAL A 319 0.25 13.19 -3.64
CA VAL A 319 -0.89 12.32 -3.95
C VAL A 319 -0.56 11.57 -5.22
N ASN A 320 0.04 10.37 -5.06
CA ASN A 320 0.56 9.67 -6.23
C ASN A 320 -0.55 9.22 -7.16
N SER A 321 -1.78 9.01 -6.67
CA SER A 321 -2.86 8.67 -7.59
C SER A 321 -3.14 9.80 -8.57
N ILE A 322 -3.16 11.04 -8.08
CA ILE A 322 -3.38 12.17 -8.99
C ILE A 322 -2.18 12.38 -9.89
N ALA A 323 -0.96 12.26 -9.33
CA ALA A 323 0.23 12.35 -10.18
C ALA A 323 0.21 11.29 -11.27
N ASN A 324 -0.32 10.10 -10.97
CA ASN A 324 -0.38 9.03 -11.95
C ASN A 324 -1.43 9.28 -13.03
N ARG A 325 -2.27 10.32 -12.90
CA ARG A 325 -3.20 10.70 -13.95
C ARG A 325 -2.78 11.99 -14.64
N ASP A 326 -1.49 12.31 -14.57
CA ASP A 326 -0.93 13.48 -15.24
C ASP A 326 -0.87 13.23 -16.73
N GLY A 327 -1.73 13.92 -17.49
CA GLY A 327 -1.82 13.71 -18.92
C GLY A 327 -0.58 14.08 -19.70
N THR A 328 0.29 14.92 -19.14
CA THR A 328 1.55 15.19 -19.82
C THR A 328 2.51 14.02 -19.75
N VAL A 329 2.21 12.99 -18.94
CA VAL A 329 3.03 11.79 -18.85
C VAL A 329 2.33 10.58 -19.44
N TYR A 330 1.02 10.49 -19.27
CA TYR A 330 0.23 9.34 -19.72
C TYR A 330 -0.90 9.87 -20.58
N GLU A 331 -0.72 9.80 -21.90
CA GLU A 331 -1.71 10.34 -22.82
C GLU A 331 -3.05 9.65 -22.59
N ASP A 332 -4.12 10.45 -22.51
CA ASP A 332 -5.44 9.98 -22.10
C ASP A 332 -5.29 9.28 -20.76
N PRO A 333 -4.91 10.03 -19.70
CA PRO A 333 -4.49 9.38 -18.45
C PRO A 333 -5.59 8.60 -17.72
N ASP A 334 -6.86 8.92 -17.95
CA ASP A 334 -7.92 8.20 -17.25
C ASP A 334 -8.40 6.96 -18.02
N ALA A 335 -7.73 6.61 -19.12
CA ALA A 335 -8.04 5.41 -19.87
C ALA A 335 -7.12 4.28 -19.41
N LEU A 336 -7.72 3.19 -18.94
CA LEU A 336 -6.94 1.98 -18.70
C LEU A 336 -6.45 1.43 -20.04
N ASP A 337 -5.15 1.26 -20.17
CA ASP A 337 -4.54 0.72 -21.39
C ASP A 337 -3.41 -0.22 -20.97
N ILE A 338 -3.67 -1.53 -20.96
CA ILE A 338 -2.62 -2.47 -20.59
C ILE A 338 -1.47 -2.50 -21.58
N HIS A 339 -1.61 -1.82 -22.72
CA HIS A 339 -0.52 -1.73 -23.71
C HIS A 339 0.30 -0.46 -23.59
N ARG A 340 -0.18 0.55 -22.87
CA ARG A 340 0.54 1.82 -22.81
C ARG A 340 1.86 1.64 -22.07
N SER A 341 2.71 2.66 -22.17
CA SER A 341 3.87 2.76 -21.30
C SER A 341 3.41 3.32 -19.95
N ALA A 342 3.35 2.46 -18.93
CA ALA A 342 3.09 2.95 -17.58
C ALA A 342 4.37 3.17 -16.78
N ARG A 343 5.52 3.20 -17.46
CA ARG A 343 6.80 3.51 -16.82
C ARG A 343 6.72 4.81 -16.02
N HIS A 344 7.54 4.89 -14.98
CA HIS A 344 7.77 6.07 -14.14
C HIS A 344 6.57 6.40 -13.26
N HIS A 345 5.60 5.51 -13.15
CA HIS A 345 4.46 5.77 -12.29
C HIS A 345 4.93 5.80 -10.84
N LEU A 346 4.10 6.44 -10.01
CA LEU A 346 4.47 6.70 -8.61
C LEU A 346 3.67 5.85 -7.63
N ALA A 347 3.12 4.70 -8.05
CA ALA A 347 2.29 3.95 -7.12
C ALA A 347 3.12 3.44 -5.93
N PHE A 348 4.43 3.31 -6.11
CA PHE A 348 5.35 2.87 -5.08
C PHE A 348 6.20 4.00 -4.52
N GLY A 349 5.89 5.24 -4.87
CA GLY A 349 6.77 6.32 -4.48
C GLY A 349 7.96 6.45 -5.41
N PHE A 350 8.98 7.14 -4.90
CA PHE A 350 10.17 7.48 -5.67
C PHE A 350 11.21 7.97 -4.67
N GLY A 351 12.47 7.57 -4.88
CA GLY A 351 13.54 8.10 -4.05
C GLY A 351 13.92 7.19 -2.91
N VAL A 352 14.43 7.75 -1.81
CA VAL A 352 15.00 6.89 -0.78
C VAL A 352 13.95 6.01 -0.13
N HIS A 353 12.68 6.42 -0.15
CA HIS A 353 11.61 5.64 0.47
C HIS A 353 10.82 4.78 -0.51
N GLN A 354 11.27 4.62 -1.76
CA GLN A 354 10.47 3.85 -2.71
C GLN A 354 10.25 2.45 -2.15
N CYS A 355 9.03 1.95 -2.37
CA CYS A 355 8.51 0.77 -1.66
C CYS A 355 9.51 -0.38 -1.68
N LEU A 356 9.90 -0.82 -0.48
CA LEU A 356 10.81 -1.96 -0.41
C LEU A 356 10.16 -3.23 -0.92
N GLY A 357 8.85 -3.38 -0.73
CA GLY A 357 8.18 -4.58 -1.20
C GLY A 357 7.74 -4.57 -2.64
N GLN A 358 8.15 -3.57 -3.44
CA GLN A 358 7.54 -3.37 -4.76
C GLN A 358 7.66 -4.60 -5.63
N ASN A 359 8.81 -5.27 -5.62
CA ASN A 359 8.95 -6.36 -6.55
C ASN A 359 8.31 -7.65 -6.05
N LEU A 360 8.14 -7.81 -4.74
CA LEU A 360 7.26 -8.88 -4.26
C LEU A 360 5.81 -8.63 -4.66
N ALA A 361 5.35 -7.38 -4.56
CA ALA A 361 3.98 -7.07 -5.00
C ALA A 361 3.81 -7.33 -6.50
N ARG A 362 4.82 -6.97 -7.30
CA ARG A 362 4.75 -7.23 -8.73
C ARG A 362 4.71 -8.73 -9.02
N LEU A 363 5.57 -9.49 -8.33
CA LEU A 363 5.55 -10.95 -8.49
C LEU A 363 4.19 -11.54 -8.13
N GLU A 364 3.66 -11.17 -6.96
CA GLU A 364 2.43 -11.78 -6.50
C GLU A 364 1.28 -11.48 -7.45
N LEU A 365 1.17 -10.23 -7.89
CA LEU A 365 0.06 -9.89 -8.79
C LEU A 365 0.18 -10.62 -10.13
N GLU A 366 1.41 -10.74 -10.66
CA GLU A 366 1.61 -11.52 -11.89
C GLU A 366 1.15 -12.97 -11.71
N VAL A 367 1.63 -13.62 -10.66
CA VAL A 367 1.27 -15.02 -10.47
C VAL A 367 -0.24 -15.18 -10.27
N ILE A 368 -0.84 -14.25 -9.52
CA ILE A 368 -2.27 -14.35 -9.23
C ILE A 368 -3.10 -14.16 -10.49
N LEU A 369 -2.75 -13.16 -11.31
CA LEU A 369 -3.51 -12.91 -12.53
C LEU A 369 -3.44 -14.10 -13.48
N ASN A 370 -2.24 -14.68 -13.66
CA ASN A 370 -2.13 -15.85 -14.53
C ASN A 370 -2.90 -17.03 -13.96
N ALA A 371 -2.87 -17.23 -12.64
CA ALA A 371 -3.61 -18.34 -12.03
C ALA A 371 -5.11 -18.19 -12.20
N LEU A 372 -5.64 -16.98 -12.00
CA LEU A 372 -7.07 -16.78 -12.18
C LEU A 372 -7.49 -16.99 -13.63
N MET A 373 -6.69 -16.53 -14.59
CA MET A 373 -7.00 -16.76 -15.99
C MET A 373 -6.87 -18.22 -16.36
N ASP A 374 -5.92 -18.93 -15.74
CA ASP A 374 -5.73 -20.35 -16.01
C ASP A 374 -6.85 -21.18 -15.41
N ARG A 375 -7.08 -21.04 -14.10
CA ARG A 375 -7.95 -21.93 -13.34
C ARG A 375 -9.40 -21.49 -13.30
N VAL A 376 -9.68 -20.19 -13.41
CA VAL A 376 -11.06 -19.71 -13.30
C VAL A 376 -11.40 -18.75 -14.44
N PRO A 377 -11.36 -19.19 -15.70
CA PRO A 377 -11.65 -18.28 -16.81
C PRO A 377 -13.07 -17.71 -16.80
N THR A 378 -14.02 -18.40 -16.17
CA THR A 378 -15.39 -17.92 -16.08
C THR A 378 -15.65 -17.05 -14.85
N LEU A 379 -14.59 -16.66 -14.14
CA LEU A 379 -14.76 -15.82 -12.97
C LEU A 379 -15.49 -14.53 -13.32
N ARG A 380 -16.46 -14.17 -12.49
CA ARG A 380 -17.21 -12.93 -12.67
C ARG A 380 -17.71 -12.50 -11.31
N LEU A 381 -18.00 -11.22 -11.18
CA LEU A 381 -18.55 -10.76 -9.92
C LEU A 381 -19.94 -11.34 -9.71
N ALA A 382 -20.28 -11.58 -8.44
CA ALA A 382 -21.59 -12.08 -8.07
C ALA A 382 -22.56 -10.97 -7.68
N VAL A 383 -22.09 -9.74 -7.52
CA VAL A 383 -22.95 -8.58 -7.25
C VAL A 383 -22.54 -7.47 -8.20
N PRO A 384 -23.42 -6.50 -8.43
CA PRO A 384 -23.01 -5.32 -9.22
C PRO A 384 -21.89 -4.55 -8.55
N VAL A 385 -21.04 -3.94 -9.38
CA VAL A 385 -19.90 -3.17 -8.87
C VAL A 385 -20.37 -2.11 -7.89
N GLU A 386 -21.50 -1.45 -8.20
N GLU A 386 -21.49 -1.44 -8.21
CA GLU A 386 -22.00 -0.37 -7.36
CA GLU A 386 -21.99 -0.36 -7.36
C GLU A 386 -22.36 -0.83 -5.96
C GLU A 386 -22.35 -0.84 -5.95
N GLN A 387 -22.58 -2.14 -5.77
CA GLN A 387 -22.93 -2.65 -4.44
C GLN A 387 -21.71 -2.89 -3.56
N LEU A 388 -20.51 -2.94 -4.14
CA LEU A 388 -19.32 -3.17 -3.34
C LEU A 388 -19.04 -1.96 -2.45
N VAL A 389 -18.43 -2.22 -1.30
CA VAL A 389 -18.15 -1.19 -0.30
C VAL A 389 -16.67 -0.86 -0.37
N LEU A 390 -16.35 0.38 -0.76
CA LEU A 390 -14.97 0.81 -0.91
C LEU A 390 -14.49 1.43 0.39
N ARG A 391 -13.23 1.16 0.74
CA ARG A 391 -12.61 1.81 1.88
C ARG A 391 -12.42 3.30 1.62
N PRO A 392 -12.44 4.13 2.65
CA PRO A 392 -12.34 5.59 2.45
C PRO A 392 -10.90 6.01 2.16
N GLY A 393 -10.76 7.30 1.82
CA GLY A 393 -9.47 7.84 1.42
C GLY A 393 -8.47 7.99 2.53
N THR A 394 -8.87 7.72 3.77
CA THR A 394 -8.01 7.80 4.93
C THR A 394 -7.16 6.55 5.12
N THR A 395 -7.29 5.56 4.25
CA THR A 395 -6.52 4.33 4.40
C THR A 395 -6.17 3.78 3.02
N ILE A 396 -5.60 2.57 2.99
CA ILE A 396 -5.29 1.92 1.73
C ILE A 396 -6.59 1.59 0.99
N GLN A 397 -6.66 1.96 -0.29
CA GLN A 397 -7.84 1.70 -1.11
C GLN A 397 -8.11 0.19 -1.15
N GLY A 398 -9.38 -0.16 -1.31
CA GLY A 398 -9.76 -1.56 -1.43
C GLY A 398 -11.24 -1.75 -1.15
N VAL A 399 -11.66 -3.02 -1.21
CA VAL A 399 -13.03 -3.43 -0.91
C VAL A 399 -13.00 -4.39 0.27
N ASN A 400 -14.03 -4.30 1.12
CA ASN A 400 -14.08 -5.15 2.30
C ASN A 400 -14.46 -6.60 1.98
N GLU A 401 -15.07 -6.84 0.83
CA GLU A 401 -15.45 -8.17 0.36
C GLU A 401 -15.71 -8.09 -1.13
N LEU A 402 -15.64 -9.23 -1.80
CA LEU A 402 -15.72 -9.30 -3.26
C LEU A 402 -16.41 -10.58 -3.68
N PRO A 403 -17.75 -10.59 -3.66
CA PRO A 403 -18.50 -11.78 -4.09
C PRO A 403 -18.23 -12.12 -5.55
N VAL A 404 -17.78 -13.36 -5.80
CA VAL A 404 -17.50 -13.86 -7.13
C VAL A 404 -18.20 -15.20 -7.34
N THR A 405 -18.44 -15.52 -8.60
CA THR A 405 -18.92 -16.83 -8.99
C THR A 405 -18.20 -17.24 -10.26
N TRP A 406 -18.45 -18.46 -10.71
CA TRP A 406 -17.74 -19.06 -11.82
C TRP A 406 -18.49 -20.36 -12.17
N HIS A 407 -18.12 -20.95 -13.29
CA HIS A 407 -18.72 -22.23 -13.66
C HIS A 407 -18.26 -23.31 -12.68
N HIS A 408 -19.21 -23.86 -11.93
CA HIS A 408 -18.89 -24.93 -10.99
C HIS A 408 -18.72 -26.26 -11.73
#